data_3MK1
#
_entry.id   3MK1
#
_cell.length_a   88.346
_cell.length_b   114.573
_cell.length_c   106.568
_cell.angle_alpha   90.00
_cell.angle_beta   90.00
_cell.angle_gamma   90.00
#
_symmetry.space_group_name_H-M   'C 2 2 21'
#
loop_
_entity.id
_entity.type
_entity.pdbx_description
1 polymer 'Alkaline phosphatase, placental type'
2 branched 2-acetamido-2-deoxy-beta-D-glucopyranose-(1-4)-2-acetamido-2-deoxy-beta-D-glucopyranose
3 non-polymer 'ZINC ION'
4 non-polymer 'MAGNESIUM ION'
5 non-polymer 'CALCIUM ION'
6 non-polymer P-NITROPHENOL
7 non-polymer 'PHOSPHATE ION'
8 non-polymer 'ACETATE ION'
9 non-polymer 'SODIUM ION'
10 water water
#
_entity_poly.entity_id   1
_entity_poly.type   'polypeptide(L)'
_entity_poly.pdbx_seq_one_letter_code
;IIPVEEENPDFWNREAAEALGAAKKLQPAQTAAKNLIIFLGDGMGVSTVTAARILKGQKKDKLGPEIPLAMDRFPYVALS
KTYNVDKHVPD(SEP)GATATAYLCGVKGNFQTIGLSAAARFNQCNTTRGNEVISVMNRAKKAGKSVGVVTTTRVQHASP
AGTYAHTVNRNWYSDADVPASARQEGCQDIATQLISNMDIDVILGGGRKYMFRMGTPDPEYPDDYSQGGTRLDGKNLVQE
WLAKRQGARYVWNRTELMQASLDPSVTHLMGLFEPGDMKYEIHRDSTLDPSLMEMTEAALRLLSRNPRGFFLFVEGGRID
HGHHESRAYRALTETIMFDDAIERAGQLTSEEDTLSLVTADHSHVFSFGGYPLRGSSIFGLAPGKARDRKAYTVLLYGNG
PGYVLKDGARPDVTESESGSPEYRQQSAVPLDEETHAGEDVAVFARGPQAHLVHGVQEQTFIAHVMAFAACLEPYTACDL
APPAGTTD
;
_entity_poly.pdbx_strand_id   A
#
loop_
_chem_comp.id
_chem_comp.type
_chem_comp.name
_chem_comp.formula
ACT non-polymer 'ACETATE ION' 'C2 H3 O2 -1'
CA non-polymer 'CALCIUM ION' 'Ca 2'
MG non-polymer 'MAGNESIUM ION' 'Mg 2'
NA non-polymer 'SODIUM ION' 'Na 1'
NAG D-saccharide, beta linking 2-acetamido-2-deoxy-beta-D-glucopyranose 'C8 H15 N O6'
NPO non-polymer P-NITROPHENOL 'C6 H5 N O3'
PO4 non-polymer 'PHOSPHATE ION' 'O4 P -3'
ZN non-polymer 'ZINC ION' 'Zn 2'
#
# COMPACT_ATOMS: atom_id res chain seq x y z
N ILE A 1 15.55 -6.91 -28.68
CA ILE A 1 14.86 -7.42 -29.91
C ILE A 1 13.78 -6.43 -30.41
N ILE A 2 13.72 -6.26 -31.73
CA ILE A 2 12.76 -5.35 -32.34
C ILE A 2 11.54 -6.15 -32.78
N PRO A 3 10.38 -5.93 -32.15
CA PRO A 3 9.18 -6.65 -32.59
C PRO A 3 8.76 -6.16 -33.97
N VAL A 4 8.60 -7.09 -34.90
CA VAL A 4 8.37 -6.75 -36.31
C VAL A 4 7.13 -5.87 -36.52
N GLU A 5 6.04 -6.16 -35.80
CA GLU A 5 4.79 -5.42 -35.98
C GLU A 5 4.99 -3.91 -35.71
N GLU A 6 5.94 -3.60 -34.82
CA GLU A 6 6.19 -2.21 -34.43
C GLU A 6 7.04 -1.44 -35.43
N GLU A 7 7.54 -2.12 -36.46
CA GLU A 7 8.33 -1.46 -37.50
C GLU A 7 7.48 -0.71 -38.49
N ASN A 8 6.20 -1.04 -38.50
CA ASN A 8 5.22 -0.43 -39.38
C ASN A 8 4.59 0.77 -38.67
N PRO A 9 4.72 1.99 -39.23
CA PRO A 9 4.07 3.14 -38.61
C PRO A 9 2.56 2.96 -38.38
N ASP A 10 1.88 2.17 -39.23
CA ASP A 10 0.44 1.88 -39.07
C ASP A 10 0.16 1.33 -37.67
N PHE A 11 1.11 0.57 -37.11
CA PHE A 11 0.92 -0.02 -35.78
C PHE A 11 0.71 1.09 -34.74
N TRP A 12 1.58 2.08 -34.79
CA TRP A 12 1.53 3.19 -33.86
C TRP A 12 0.38 4.14 -34.16
N ASN A 13 0.10 4.35 -35.44
CA ASN A 13 -1.02 5.22 -35.81
C ASN A 13 -2.36 4.61 -35.43
N ARG A 14 -2.52 3.31 -35.61
CA ARG A 14 -3.77 2.64 -35.21
C ARG A 14 -3.96 2.72 -33.69
N GLU A 15 -2.90 2.41 -32.94
CA GLU A 15 -2.95 2.45 -31.48
C GLU A 15 -3.34 3.85 -31.00
N ALA A 16 -2.77 4.87 -31.63
CA ALA A 16 -3.01 6.24 -31.18
C ALA A 16 -4.42 6.68 -31.54
N ALA A 17 -4.87 6.31 -32.73
CA ALA A 17 -6.25 6.58 -33.11
C ALA A 17 -7.23 5.93 -32.12
N GLU A 18 -6.92 4.71 -31.70
CA GLU A 18 -7.75 3.99 -30.72
C GLU A 18 -7.71 4.73 -29.39
N ALA A 19 -6.50 5.12 -28.98
CA ALA A 19 -6.35 5.89 -27.76
C ALA A 19 -7.13 7.22 -27.80
N LEU A 20 -7.09 7.92 -28.94
CA LEU A 20 -7.88 9.14 -29.08
C LEU A 20 -9.37 8.85 -28.96
N GLY A 21 -9.82 7.78 -29.61
CA GLY A 21 -11.24 7.41 -29.55
C GLY A 21 -11.67 7.16 -28.12
N ALA A 22 -10.84 6.42 -27.38
CA ALA A 22 -11.12 6.10 -25.97
C ALA A 22 -11.14 7.37 -25.14
N ALA A 23 -10.17 8.25 -25.37
CA ALA A 23 -10.08 9.52 -24.64
C ALA A 23 -11.36 10.36 -24.84
N LYS A 24 -11.88 10.37 -26.06
CA LYS A 24 -13.11 11.13 -26.38
C LYS A 24 -14.38 10.56 -25.75
N LYS A 25 -14.37 9.27 -25.45
CA LYS A 25 -15.56 8.62 -24.87
C LYS A 25 -15.70 8.88 -23.39
N LEU A 26 -14.62 9.31 -22.74
CA LEU A 26 -14.66 9.60 -21.31
C LEU A 26 -15.67 10.70 -20.99
N GLN A 27 -16.55 10.43 -20.04
CA GLN A 27 -17.53 11.43 -19.59
C GLN A 27 -17.57 11.44 -18.07
N PRO A 28 -17.72 12.63 -17.47
CA PRO A 28 -17.84 12.69 -16.01
C PRO A 28 -19.20 12.17 -15.52
N ALA A 29 -19.20 11.46 -14.40
CA ALA A 29 -20.44 11.03 -13.73
C ALA A 29 -21.09 12.22 -13.02
N GLN A 30 -22.42 12.22 -13.02
CA GLN A 30 -23.20 13.19 -12.24
C GLN A 30 -23.63 12.56 -10.92
N THR A 31 -23.17 11.33 -10.69
CA THR A 31 -23.63 10.51 -9.59
C THR A 31 -22.52 10.26 -8.59
N ALA A 32 -22.91 10.02 -7.34
CA ALA A 32 -21.97 9.77 -6.26
C ALA A 32 -21.36 8.37 -6.34
N ALA A 33 -20.25 8.19 -5.62
CA ALA A 33 -19.72 6.87 -5.38
C ALA A 33 -20.46 6.23 -4.20
N LYS A 34 -20.94 5.00 -4.41
CA LYS A 34 -21.44 4.15 -3.33
C LYS A 34 -20.27 3.59 -2.52
N ASN A 35 -19.23 3.16 -3.23
CA ASN A 35 -18.07 2.52 -2.63
C ASN A 35 -16.83 3.33 -2.92
N LEU A 36 -15.84 3.19 -2.04
CA LEU A 36 -14.56 3.86 -2.16
C LEU A 36 -13.48 2.84 -1.92
N ILE A 37 -12.49 2.79 -2.81
CA ILE A 37 -11.33 1.96 -2.59
C ILE A 37 -10.08 2.77 -2.84
N ILE A 38 -9.15 2.72 -1.88
CA ILE A 38 -7.83 3.25 -2.10
C ILE A 38 -6.83 2.10 -2.06
N PHE A 39 -6.10 1.96 -3.16
CA PHE A 39 -5.03 1.00 -3.26
C PHE A 39 -3.74 1.77 -3.10
N LEU A 40 -3.00 1.44 -2.05
CA LEU A 40 -1.79 2.17 -1.70
C LEU A 40 -0.59 1.27 -1.88
N GLY A 41 0.24 1.61 -2.87
CA GLY A 41 1.50 0.90 -3.09
C GLY A 41 2.55 1.62 -2.29
N ASP A 42 2.94 1.04 -1.18
CA ASP A 42 3.88 1.72 -0.29
C ASP A 42 5.25 1.80 -0.97
N GLY A 43 5.68 3.01 -1.29
CA GLY A 43 6.98 3.23 -1.94
C GLY A 43 6.93 3.12 -3.45
N MET A 44 5.73 2.97 -4.01
CA MET A 44 5.57 2.66 -5.43
C MET A 44 5.59 3.91 -6.33
N GLY A 45 6.78 4.50 -6.47
CA GLY A 45 6.93 5.69 -7.29
C GLY A 45 6.94 5.35 -8.76
N VAL A 46 7.13 6.38 -9.58
CA VAL A 46 6.99 6.23 -11.02
C VAL A 46 8.02 5.22 -11.59
N SER A 47 9.27 5.27 -11.11
CA SER A 47 10.27 4.29 -11.57
C SER A 47 9.88 2.85 -11.18
N THR A 48 9.24 2.68 -10.03
CA THR A 48 8.75 1.36 -9.59
C THR A 48 7.64 0.84 -10.51
N VAL A 49 6.69 1.72 -10.84
CA VAL A 49 5.60 1.35 -11.74
C VAL A 49 6.13 0.90 -13.08
N THR A 50 7.03 1.67 -13.68
CA THR A 50 7.54 1.29 -15.01
C THR A 50 8.33 -0.01 -14.96
N ALA A 51 9.20 -0.14 -13.97
CA ALA A 51 9.97 -1.37 -13.83
C ALA A 51 9.07 -2.57 -13.59
N ALA A 52 8.06 -2.41 -12.75
CA ALA A 52 7.13 -3.51 -12.49
C ALA A 52 6.33 -3.86 -13.74
N ARG A 53 5.95 -2.84 -14.52
CA ARG A 53 5.25 -3.07 -15.77
C ARG A 53 6.05 -3.98 -16.70
N ILE A 54 7.35 -3.65 -16.83
CA ILE A 54 8.24 -4.40 -17.70
C ILE A 54 8.34 -5.83 -17.21
N LEU A 55 8.52 -6.00 -15.89
CA LEU A 55 8.65 -7.34 -15.32
C LEU A 55 7.37 -8.13 -15.53
N LYS A 56 6.22 -7.50 -15.30
CA LYS A 56 4.94 -8.21 -15.42
C LYS A 56 4.69 -8.58 -16.87
N GLY A 57 5.06 -7.67 -17.77
CA GLY A 57 4.87 -7.89 -19.21
C GLY A 57 5.61 -9.12 -19.64
N GLN A 58 6.82 -9.26 -19.15
CA GLN A 58 7.65 -10.41 -19.46
C GLN A 58 7.18 -11.67 -18.76
N LYS A 59 6.58 -11.52 -17.58
CA LYS A 59 5.97 -12.64 -16.85
C LYS A 59 4.91 -13.33 -17.72
N LYS A 60 4.20 -12.53 -18.52
CA LYS A 60 3.15 -13.04 -19.43
C LYS A 60 3.70 -13.28 -20.86
N ASP A 61 5.00 -13.58 -20.94
CA ASP A 61 5.70 -13.85 -22.21
C ASP A 61 5.58 -12.73 -23.28
N LYS A 62 5.60 -11.47 -22.82
CA LYS A 62 5.68 -10.32 -23.73
C LYS A 62 7.03 -9.66 -23.56
N LEU A 63 7.29 -8.59 -24.33
CA LEU A 63 8.58 -7.91 -24.26
C LEU A 63 8.71 -7.04 -23.02
N GLY A 64 7.57 -6.55 -22.52
CA GLY A 64 7.55 -5.83 -21.24
C GLY A 64 6.82 -4.49 -21.26
N PRO A 65 7.50 -3.43 -21.73
CA PRO A 65 7.03 -2.05 -21.53
C PRO A 65 5.71 -1.70 -22.25
N GLU A 66 5.36 -2.50 -23.25
CA GLU A 66 4.16 -2.24 -24.04
C GLU A 66 2.88 -2.79 -23.40
N ILE A 67 3.01 -3.64 -22.37
CA ILE A 67 1.83 -4.28 -21.76
C ILE A 67 1.33 -3.49 -20.54
N PRO A 68 0.08 -3.01 -20.58
CA PRO A 68 -0.43 -2.27 -19.43
C PRO A 68 -0.55 -3.10 -18.14
N LEU A 69 -0.13 -2.50 -17.04
CA LEU A 69 -0.52 -2.97 -15.72
C LEU A 69 -2.03 -2.72 -15.56
N ALA A 70 -2.68 -3.40 -14.61
CA ALA A 70 -4.09 -3.07 -14.34
C ALA A 70 -4.23 -1.58 -13.97
N MET A 71 -3.27 -1.06 -13.19
CA MET A 71 -3.37 0.35 -12.80
C MET A 71 -3.25 1.28 -14.02
N ASP A 72 -2.50 0.84 -15.05
CA ASP A 72 -2.30 1.65 -16.26
C ASP A 72 -3.61 1.88 -17.01
N ARG A 73 -4.61 1.05 -16.75
CA ARG A 73 -5.88 1.12 -17.44
C ARG A 73 -6.80 2.18 -16.86
N PHE A 74 -6.46 2.72 -15.69
CA PHE A 74 -7.30 3.70 -15.04
C PHE A 74 -7.30 4.97 -15.90
N PRO A 75 -8.48 5.55 -16.17
CA PRO A 75 -8.52 6.69 -17.10
C PRO A 75 -7.86 7.98 -16.61
N TYR A 76 -7.87 8.23 -15.30
CA TYR A 76 -7.47 9.54 -14.82
C TYR A 76 -6.20 9.45 -14.00
N VAL A 77 -5.26 10.33 -14.31
CA VAL A 77 -3.97 10.34 -13.64
C VAL A 77 -3.68 11.74 -13.15
N ALA A 78 -3.15 11.84 -11.94
CA ALA A 78 -2.59 13.09 -11.46
C ALA A 78 -1.23 12.81 -10.86
N LEU A 79 -0.44 13.87 -10.68
CA LEU A 79 0.77 13.75 -9.85
C LEU A 79 0.46 14.25 -8.46
N SER A 80 1.01 13.55 -7.47
CA SER A 80 0.75 13.83 -6.06
C SER A 80 2.02 14.30 -5.40
N LYS A 81 1.94 15.45 -4.74
CA LYS A 81 3.10 16.01 -4.06
C LYS A 81 3.16 15.49 -2.62
N THR A 82 4.24 14.78 -2.29
CA THR A 82 4.24 13.93 -1.11
C THR A 82 4.92 14.52 0.11
N TYR A 83 5.54 15.70 -0.01
CA TYR A 83 6.31 16.24 1.12
C TYR A 83 5.49 16.23 2.40
N ASN A 84 6.14 15.94 3.53
CA ASN A 84 5.50 16.15 4.82
C ASN A 84 5.68 17.60 5.22
N VAL A 85 4.94 18.05 6.22
CA VAL A 85 5.06 19.45 6.59
C VAL A 85 6.51 19.77 6.97
N ASP A 86 7.18 18.83 7.65
CA ASP A 86 8.50 19.09 8.22
C ASP A 86 9.70 18.52 7.43
N LYS A 87 9.42 17.65 6.45
CA LYS A 87 10.49 17.01 5.69
C LYS A 87 10.08 16.88 4.23
N HIS A 88 11.02 17.17 3.34
CA HIS A 88 10.75 17.10 1.90
C HIS A 88 10.57 15.67 1.44
N VAL A 89 11.35 14.76 2.03
CA VAL A 89 11.22 13.35 1.71
C VAL A 89 10.49 12.72 2.90
N PRO A 90 9.27 12.24 2.66
CA PRO A 90 8.34 11.91 3.74
C PRO A 90 8.45 10.48 4.27
N ASP A 91 7.71 10.18 5.33
CA ASP A 91 7.54 8.80 5.78
C ASP A 91 6.12 8.33 5.51
N SEP A 92 5.84 7.07 5.85
CA SEP A 92 4.53 6.50 5.61
CB SEP A 92 4.58 4.98 5.71
OG SEP A 92 5.56 4.49 4.82
C SEP A 92 3.44 6.99 6.54
O SEP A 92 2.28 6.97 6.15
P SEP A 92 7.03 3.84 5.45
O1P SEP A 92 7.71 5.02 6.12
O2P SEP A 92 6.60 2.70 6.35
O3P SEP A 92 7.53 3.49 4.05
N GLY A 93 3.81 7.37 7.76
CA GLY A 93 2.83 7.81 8.75
C GLY A 93 2.19 9.10 8.30
N ALA A 94 3.01 10.11 8.03
CA ALA A 94 2.49 11.44 7.77
C ALA A 94 1.91 11.56 6.35
N THR A 95 2.41 10.76 5.42
CA THR A 95 1.75 10.66 4.11
C THR A 95 0.38 10.03 4.29
N ALA A 96 0.28 9.00 5.13
CA ALA A 96 -1.04 8.37 5.42
C ALA A 96 -2.04 9.41 5.90
N THR A 97 -1.58 10.31 6.77
CA THR A 97 -2.46 11.39 7.22
C THR A 97 -2.97 12.18 6.02
N ALA A 98 -2.08 12.45 5.07
CA ALA A 98 -2.46 13.23 3.89
C ALA A 98 -3.49 12.48 3.04
N TYR A 99 -3.16 11.28 2.59
CA TYR A 99 -4.05 10.63 1.61
C TYR A 99 -5.26 9.93 2.25
N LEU A 100 -5.25 9.77 3.58
CA LEU A 100 -6.37 9.14 4.26
C LEU A 100 -7.18 10.08 5.13
N CYS A 101 -6.55 11.14 5.63
CA CYS A 101 -7.26 12.12 6.46
C CYS A 101 -7.41 13.49 5.79
N GLY A 102 -6.64 13.75 4.73
CA GLY A 102 -6.83 14.99 3.96
C GLY A 102 -6.07 16.18 4.53
N VAL A 103 -5.10 15.89 5.39
CA VAL A 103 -4.34 16.93 6.09
C VAL A 103 -2.88 16.45 6.12
N LYS A 104 -1.94 17.35 5.83
CA LYS A 104 -0.52 16.97 5.93
C LYS A 104 -0.04 17.00 7.39
N GLY A 105 0.91 16.12 7.68
CA GLY A 105 1.41 15.96 9.04
C GLY A 105 2.93 15.97 9.08
N ASN A 106 3.45 15.80 10.28
CA ASN A 106 4.88 15.73 10.49
C ASN A 106 5.36 14.28 10.46
N PHE A 107 6.55 14.12 9.86
CA PHE A 107 7.27 12.85 9.73
C PHE A 107 7.05 11.96 10.96
N GLN A 108 6.58 10.73 10.72
CA GLN A 108 6.50 9.65 11.72
C GLN A 108 5.34 9.72 12.69
N THR A 109 4.47 10.72 12.50
CA THR A 109 3.21 10.76 13.21
C THR A 109 2.13 10.21 12.26
N ILE A 110 0.98 9.87 12.83
CA ILE A 110 -0.13 9.31 12.06
C ILE A 110 -1.45 9.92 12.52
N GLY A 111 -2.26 10.38 11.58
CA GLY A 111 -3.63 10.81 11.90
C GLY A 111 -3.65 12.07 12.75
N LEU A 112 -2.60 12.87 12.63
CA LEU A 112 -2.48 14.10 13.38
C LEU A 112 -2.05 15.26 12.51
N SER A 113 -2.59 16.43 12.80
CA SER A 113 -2.16 17.64 12.11
C SER A 113 -0.71 17.92 12.46
N ALA A 114 -0.10 18.87 11.74
CA ALA A 114 1.31 19.16 11.95
C ALA A 114 1.54 20.06 13.18
N ALA A 115 0.49 20.32 13.96
CA ALA A 115 0.65 20.96 15.27
C ALA A 115 1.21 19.97 16.29
N ALA A 116 1.02 18.68 16.03
CA ALA A 116 1.62 17.64 16.86
C ALA A 116 3.11 17.53 16.57
N ARG A 117 3.82 16.86 17.48
CA ARG A 117 5.24 16.65 17.34
C ARG A 117 5.56 15.18 17.57
N PHE A 118 6.44 14.64 16.73
CA PHE A 118 6.85 13.26 16.84
C PHE A 118 7.31 12.88 18.24
N ASN A 119 6.78 11.77 18.76
CA ASN A 119 7.22 11.20 20.03
C ASN A 119 6.97 12.12 21.24
N GLN A 120 6.05 13.07 21.08
CA GLN A 120 5.65 13.95 22.18
C GLN A 120 4.17 13.75 22.43
N CYS A 121 3.87 12.78 23.29
CA CYS A 121 2.48 12.39 23.57
C CYS A 121 1.61 13.59 23.94
N ASN A 122 2.18 14.53 24.67
CA ASN A 122 1.41 15.67 25.17
C ASN A 122 1.08 16.73 24.11
N THR A 123 1.42 16.46 22.85
CA THR A 123 1.04 17.34 21.74
C THR A 123 -0.05 16.71 20.89
N THR A 124 -0.62 15.60 21.37
CA THR A 124 -1.58 14.83 20.59
C THR A 124 -2.94 15.49 20.54
N ARG A 125 -3.48 15.81 21.71
CA ARG A 125 -4.90 16.08 21.78
C ARG A 125 -5.25 17.41 21.16
N GLY A 126 -6.33 17.40 20.37
CA GLY A 126 -6.76 18.56 19.60
C GLY A 126 -6.26 18.47 18.17
N ASN A 127 -5.29 17.60 17.94
CA ASN A 127 -4.65 17.50 16.62
C ASN A 127 -5.05 16.27 15.84
N GLU A 128 -5.97 15.50 16.39
CA GLU A 128 -6.51 14.33 15.70
C GLU A 128 -7.27 14.77 14.47
N VAL A 129 -6.99 14.12 13.35
CA VAL A 129 -7.71 14.41 12.13
C VAL A 129 -8.35 13.09 11.68
N ILE A 130 -9.64 13.15 11.38
CA ILE A 130 -10.44 11.95 11.20
C ILE A 130 -10.32 11.47 9.75
N SER A 131 -10.14 10.17 9.57
CA SER A 131 -9.89 9.61 8.23
C SER A 131 -11.18 9.57 7.43
N VAL A 132 -11.04 9.49 6.12
CA VAL A 132 -12.22 9.29 5.28
C VAL A 132 -12.90 7.96 5.66
N MET A 133 -12.09 6.94 5.97
CA MET A 133 -12.63 5.66 6.39
C MET A 133 -13.53 5.78 7.62
N ASN A 134 -13.07 6.54 8.60
CA ASN A 134 -13.86 6.80 9.78
C ASN A 134 -15.18 7.47 9.39
N ARG A 135 -15.11 8.46 8.50
CA ARG A 135 -16.32 9.18 8.08
C ARG A 135 -17.23 8.27 7.28
N ALA A 136 -16.66 7.35 6.51
CA ALA A 136 -17.47 6.40 5.77
C ALA A 136 -18.26 5.52 6.75
N LYS A 137 -17.58 5.06 7.80
CA LYS A 137 -18.24 4.25 8.84
C LYS A 137 -19.36 5.04 9.51
N LYS A 138 -19.09 6.32 9.82
CA LYS A 138 -20.10 7.15 10.47
C LYS A 138 -21.34 7.28 9.58
N ALA A 139 -21.13 7.27 8.26
CA ALA A 139 -22.21 7.34 7.29
C ALA A 139 -22.87 5.99 7.04
N GLY A 140 -22.49 4.97 7.80
CA GLY A 140 -23.15 3.65 7.74
C GLY A 140 -22.57 2.69 6.73
N LYS A 141 -21.43 3.06 6.12
CA LYS A 141 -20.77 2.14 5.19
C LYS A 141 -19.97 1.11 5.99
N SER A 142 -19.73 -0.04 5.38
CA SER A 142 -18.78 -0.97 5.97
C SER A 142 -17.38 -0.54 5.59
N VAL A 143 -16.41 -0.88 6.43
CA VAL A 143 -15.04 -0.47 6.18
C VAL A 143 -14.03 -1.60 6.38
N GLY A 144 -13.00 -1.60 5.54
CA GLY A 144 -12.01 -2.67 5.59
C GLY A 144 -10.60 -2.14 5.41
N VAL A 145 -9.67 -2.77 6.11
CA VAL A 145 -8.27 -2.44 6.02
C VAL A 145 -7.55 -3.73 5.66
N VAL A 146 -6.83 -3.73 4.54
CA VAL A 146 -6.15 -4.91 4.05
C VAL A 146 -4.73 -4.53 3.70
N THR A 147 -3.75 -5.28 4.22
CA THR A 147 -2.36 -4.95 3.94
C THR A 147 -1.48 -6.15 4.13
N THR A 148 -0.33 -6.14 3.45
CA THR A 148 0.71 -7.16 3.66
C THR A 148 1.65 -6.83 4.81
N THR A 149 1.54 -5.64 5.38
CA THR A 149 2.32 -5.36 6.59
C THR A 149 1.48 -5.69 7.83
N ARG A 150 2.09 -5.51 8.99
CA ARG A 150 1.33 -5.40 10.24
C ARG A 150 0.16 -4.48 10.02
N VAL A 151 -1.00 -4.82 10.56
CA VAL A 151 -2.18 -3.94 10.43
C VAL A 151 -2.02 -2.65 11.27
N GLN A 152 -1.04 -2.68 12.16
CA GLN A 152 -0.65 -1.57 13.02
C GLN A 152 0.47 -0.74 12.38
N HIS A 153 0.90 -1.13 11.17
CA HIS A 153 1.93 -0.37 10.47
C HIS A 153 1.41 1.00 10.04
N ALA A 154 2.31 1.89 9.62
CA ALA A 154 1.96 3.31 9.47
C ALA A 154 0.79 3.53 8.50
N SER A 155 0.83 2.85 7.36
CA SER A 155 -0.19 3.11 6.34
C SER A 155 -1.61 2.72 6.75
N PRO A 156 -1.83 1.44 7.13
CA PRO A 156 -3.17 1.10 7.57
C PRO A 156 -3.58 1.86 8.83
N ALA A 157 -2.61 2.15 9.70
CA ALA A 157 -2.91 2.89 10.93
C ALA A 157 -3.49 4.25 10.61
N GLY A 158 -3.10 4.82 9.47
CA GLY A 158 -3.68 6.10 9.04
C GLY A 158 -5.19 6.06 8.87
N THR A 159 -5.77 4.89 8.62
CA THR A 159 -7.22 4.80 8.44
C THR A 159 -7.98 4.90 9.76
N TYR A 160 -7.30 4.64 10.88
CA TYR A 160 -8.00 4.54 12.17
C TYR A 160 -7.35 5.19 13.37
N ALA A 161 -6.01 5.36 13.34
CA ALA A 161 -5.24 5.76 14.52
C ALA A 161 -4.88 7.22 14.49
N HIS A 162 -4.52 7.72 15.67
CA HIS A 162 -3.94 9.03 15.83
C HIS A 162 -2.81 8.84 16.82
N THR A 163 -1.58 9.04 16.37
CA THR A 163 -0.43 8.84 17.25
C THR A 163 0.76 9.68 16.85
N VAL A 164 1.46 10.19 17.87
CA VAL A 164 2.69 10.97 17.64
C VAL A 164 3.88 10.06 17.35
N ASN A 165 3.68 8.76 17.46
CA ASN A 165 4.79 7.87 17.20
C ASN A 165 4.33 6.59 16.53
N ARG A 166 4.59 6.50 15.22
CA ARG A 166 4.28 5.29 14.45
C ARG A 166 4.90 4.01 15.02
N ASN A 167 5.94 4.15 15.84
CA ASN A 167 6.63 2.97 16.40
C ASN A 167 5.91 2.32 17.58
N TRP A 168 4.79 2.91 18.01
CA TRP A 168 4.09 2.43 19.18
C TRP A 168 3.10 1.34 18.83
N TYR A 169 3.60 0.20 18.39
CA TYR A 169 2.74 -0.89 17.94
C TYR A 169 1.90 -1.50 19.06
N SER A 170 2.55 -1.79 20.18
CA SER A 170 1.85 -2.28 21.36
C SER A 170 2.29 -1.47 22.57
N ASP A 171 1.66 -1.76 23.70
CA ASP A 171 1.97 -1.07 24.95
C ASP A 171 3.45 -1.21 25.32
N ALA A 172 4.06 -2.33 24.92
CA ALA A 172 5.48 -2.56 25.18
C ALA A 172 6.38 -1.48 24.59
N ASP A 173 5.90 -0.83 23.53
CA ASP A 173 6.65 0.21 22.83
C ASP A 173 6.45 1.61 23.38
N VAL A 174 5.38 1.81 24.14
CA VAL A 174 5.02 3.14 24.61
C VAL A 174 5.72 3.44 25.93
N PRO A 175 6.50 4.55 25.99
CA PRO A 175 7.19 4.92 27.23
C PRO A 175 6.19 5.15 28.35
N ALA A 176 6.62 4.92 29.60
CA ALA A 176 5.75 5.09 30.76
C ALA A 176 5.01 6.42 30.77
N SER A 177 5.72 7.51 30.47
CA SER A 177 5.13 8.84 30.52
C SER A 177 3.97 8.97 29.53
N ALA A 178 4.16 8.41 28.33
CA ALA A 178 3.12 8.45 27.31
C ALA A 178 1.92 7.57 27.66
N ARG A 179 2.19 6.41 28.28
CA ARG A 179 1.12 5.55 28.75
C ARG A 179 0.28 6.29 29.79
N GLN A 180 0.96 6.97 30.71
CA GLN A 180 0.28 7.72 31.77
C GLN A 180 -0.57 8.83 31.17
N GLU A 181 -0.06 9.45 30.11
CA GLU A 181 -0.76 10.52 29.41
C GLU A 181 -1.85 10.05 28.46
N GLY A 182 -2.04 8.73 28.37
CA GLY A 182 -3.15 8.18 27.60
C GLY A 182 -2.91 8.07 26.11
N CYS A 183 -1.66 8.07 25.69
CA CYS A 183 -1.38 7.77 24.29
C CYS A 183 -1.42 6.26 24.13
N GLN A 184 -2.45 5.79 23.45
CA GLN A 184 -2.66 4.36 23.31
C GLN A 184 -1.81 3.82 22.19
N ASP A 185 -1.30 2.62 22.41
CA ASP A 185 -0.59 1.92 21.35
C ASP A 185 -1.52 1.68 20.18
N ILE A 186 -0.92 1.49 19.01
CA ILE A 186 -1.69 1.36 17.78
C ILE A 186 -2.60 0.12 17.78
N ALA A 187 -2.12 -0.99 18.35
CA ALA A 187 -2.94 -2.21 18.43
C ALA A 187 -4.24 -1.95 19.20
N THR A 188 -4.14 -1.24 20.32
CA THR A 188 -5.34 -0.85 21.06
C THR A 188 -6.23 0.06 20.21
N GLN A 189 -5.65 1.06 19.58
CA GLN A 189 -6.44 1.96 18.72
C GLN A 189 -7.19 1.21 17.62
N LEU A 190 -6.55 0.19 17.06
CA LEU A 190 -7.17 -0.65 16.04
C LEU A 190 -8.52 -1.19 16.47
N ILE A 191 -8.60 -1.66 17.71
CA ILE A 191 -9.85 -2.25 18.20
C ILE A 191 -10.77 -1.25 18.89
N SER A 192 -10.26 -0.08 19.24
CA SER A 192 -10.99 0.87 20.10
C SER A 192 -11.51 2.13 19.43
N ASN A 193 -10.76 2.66 18.46
CA ASN A 193 -11.10 3.98 17.92
C ASN A 193 -12.41 3.99 17.14
N MET A 194 -12.61 2.96 16.33
CA MET A 194 -13.78 2.91 15.46
C MET A 194 -14.07 1.47 15.16
N ASP A 195 -15.30 1.22 14.71
CA ASP A 195 -15.68 -0.09 14.26
C ASP A 195 -15.10 -0.31 12.88
N ILE A 196 -14.34 -1.39 12.72
CA ILE A 196 -13.79 -1.77 11.43
C ILE A 196 -14.32 -3.16 11.09
N ASP A 197 -14.97 -3.29 9.94
CA ASP A 197 -15.64 -4.55 9.60
C ASP A 197 -14.67 -5.65 9.17
N VAL A 198 -13.62 -5.26 8.46
CA VAL A 198 -12.64 -6.23 7.98
C VAL A 198 -11.25 -5.68 8.26
N ILE A 199 -10.44 -6.50 8.91
CA ILE A 199 -9.05 -6.14 9.20
C ILE A 199 -8.24 -7.34 8.79
N LEU A 200 -7.40 -7.20 7.76
CA LEU A 200 -6.60 -8.33 7.28
C LEU A 200 -5.17 -7.90 7.04
N GLY A 201 -4.23 -8.66 7.58
CA GLY A 201 -2.82 -8.45 7.34
C GLY A 201 -1.98 -9.11 8.41
N GLY A 202 -0.82 -8.51 8.71
CA GLY A 202 0.07 -9.06 9.73
C GLY A 202 -0.20 -8.43 11.08
N GLY A 203 0.67 -8.73 12.05
CA GLY A 203 0.61 -8.04 13.34
C GLY A 203 -0.12 -8.78 14.45
N ARG A 204 -0.10 -10.12 14.42
CA ARG A 204 -0.66 -10.90 15.53
C ARG A 204 -0.07 -10.55 16.89
N LYS A 205 1.25 -10.36 16.93
CA LYS A 205 1.97 -10.41 18.21
C LYS A 205 1.59 -9.28 19.15
N TYR A 206 1.14 -8.16 18.57
CA TYR A 206 0.87 -6.96 19.35
C TYR A 206 -0.49 -7.03 20.05
N MET A 207 -1.24 -8.08 19.75
CA MET A 207 -2.60 -8.26 20.26
C MET A 207 -2.68 -9.11 21.51
N PHE A 208 -1.56 -9.75 21.87
CA PHE A 208 -1.57 -10.77 22.91
C PHE A 208 -0.52 -10.51 23.98
N ARG A 209 -0.80 -10.98 25.19
CA ARG A 209 0.13 -10.73 26.28
C ARG A 209 1.41 -11.51 26.09
N MET A 210 2.50 -10.93 26.58
CA MET A 210 3.78 -11.62 26.67
C MET A 210 3.56 -13.01 27.29
N GLY A 211 4.19 -14.01 26.69
CA GLY A 211 3.99 -15.38 27.11
C GLY A 211 3.04 -16.16 26.23
N THR A 212 2.24 -15.46 25.44
CA THR A 212 1.30 -16.12 24.54
C THR A 212 2.02 -16.65 23.32
N PRO A 213 2.04 -17.98 23.18
CA PRO A 213 2.66 -18.61 22.02
C PRO A 213 1.93 -18.15 20.76
N ASP A 214 2.69 -17.83 19.72
CA ASP A 214 2.07 -17.59 18.43
C ASP A 214 1.51 -18.93 17.93
N PRO A 215 0.26 -18.93 17.40
CA PRO A 215 -0.33 -20.20 16.97
C PRO A 215 0.38 -20.85 15.80
N GLU A 216 1.10 -20.06 15.02
CA GLU A 216 1.74 -20.56 13.81
C GLU A 216 3.20 -20.92 14.07
N TYR A 217 3.81 -20.21 15.02
CA TYR A 217 5.20 -20.44 15.39
C TYR A 217 5.32 -20.62 16.90
N PRO A 218 4.64 -21.66 17.45
CA PRO A 218 4.53 -21.85 18.91
C PRO A 218 5.87 -22.15 19.55
N ASP A 219 6.88 -22.46 18.74
CA ASP A 219 8.20 -22.80 19.23
C ASP A 219 9.24 -21.70 19.03
N ASP A 220 8.78 -20.51 18.63
CA ASP A 220 9.67 -19.37 18.45
C ASP A 220 9.20 -18.22 19.34
N TYR A 221 9.85 -18.05 20.49
CA TYR A 221 9.37 -17.12 21.50
C TYR A 221 9.33 -15.67 21.00
N SER A 222 10.26 -15.32 20.12
CA SER A 222 10.33 -13.94 19.58
C SER A 222 9.08 -13.57 18.80
N GLN A 223 8.30 -14.57 18.39
CA GLN A 223 7.08 -14.38 17.62
C GLN A 223 5.83 -14.29 18.48
N GLY A 224 6.00 -14.48 19.78
CA GLY A 224 4.89 -14.53 20.72
C GLY A 224 4.35 -13.15 21.07
N GLY A 225 3.35 -13.15 21.95
CA GLY A 225 2.70 -11.90 22.36
C GLY A 225 3.68 -10.90 22.91
N THR A 226 3.38 -9.62 22.71
CA THR A 226 4.28 -8.55 23.14
C THR A 226 3.74 -7.77 24.32
N ARG A 227 2.44 -7.93 24.63
CA ARG A 227 1.77 -6.99 25.53
C ARG A 227 2.16 -7.18 26.98
N LEU A 228 2.33 -6.06 27.66
CA LEU A 228 2.72 -6.04 29.06
C LEU A 228 1.52 -5.73 29.98
N ASP A 229 0.38 -5.37 29.38
CA ASP A 229 -0.83 -4.98 30.12
C ASP A 229 -1.82 -6.12 30.32
N GLY A 230 -1.40 -7.33 29.98
CA GLY A 230 -2.22 -8.53 30.14
C GLY A 230 -3.42 -8.65 29.22
N LYS A 231 -3.60 -7.69 28.31
CA LYS A 231 -4.80 -7.69 27.48
C LYS A 231 -4.69 -8.65 26.31
N ASN A 232 -5.79 -9.32 26.01
CA ASN A 232 -5.96 -10.03 24.76
C ASN A 232 -6.86 -9.16 23.89
N LEU A 233 -6.26 -8.41 22.96
CA LEU A 233 -7.03 -7.45 22.17
C LEU A 233 -7.95 -8.14 21.16
N VAL A 234 -7.58 -9.34 20.75
CA VAL A 234 -8.43 -10.11 19.84
C VAL A 234 -9.71 -10.52 20.58
N GLN A 235 -9.58 -11.11 21.77
CA GLN A 235 -10.75 -11.45 22.57
C GLN A 235 -11.62 -10.21 22.84
N GLU A 236 -10.99 -9.10 23.19
CA GLU A 236 -11.72 -7.86 23.43
C GLU A 236 -12.52 -7.42 22.21
N TRP A 237 -11.87 -7.48 21.04
CA TRP A 237 -12.52 -7.11 19.79
C TRP A 237 -13.68 -8.04 19.48
N LEU A 238 -13.47 -9.34 19.63
CA LEU A 238 -14.54 -10.32 19.39
C LEU A 238 -15.73 -10.10 20.33
N ALA A 239 -15.42 -9.78 21.59
CA ALA A 239 -16.45 -9.60 22.61
C ALA A 239 -17.38 -8.42 22.33
N LYS A 240 -16.89 -7.44 21.58
CA LYS A 240 -17.65 -6.23 21.24
C LYS A 240 -18.70 -6.43 20.14
N ARG A 241 -18.58 -7.49 19.35
CA ARG A 241 -19.35 -7.61 18.13
C ARG A 241 -19.89 -9.02 17.90
N GLN A 242 -21.21 -9.13 17.83
CA GLN A 242 -21.85 -10.38 17.41
C GLN A 242 -21.54 -10.59 15.92
N GLY A 243 -21.22 -11.82 15.56
CA GLY A 243 -20.88 -12.13 14.18
C GLY A 243 -19.42 -11.84 13.87
N ALA A 244 -18.62 -11.60 14.91
CA ALA A 244 -17.19 -11.37 14.72
C ALA A 244 -16.42 -12.68 14.70
N ARG A 245 -15.43 -12.78 13.81
CA ARG A 245 -14.54 -13.93 13.77
C ARG A 245 -13.09 -13.48 13.66
N TYR A 246 -12.21 -14.21 14.34
CA TYR A 246 -10.79 -14.04 14.22
C TYR A 246 -10.19 -15.25 13.53
N VAL A 247 -9.36 -14.99 12.53
CA VAL A 247 -8.62 -16.05 11.86
C VAL A 247 -7.13 -15.70 11.78
N TRP A 248 -6.29 -16.73 11.69
CA TRP A 248 -4.84 -16.50 11.56
C TRP A 248 -4.21 -17.25 10.40
N ASN A 249 -5.02 -18.00 9.66
CA ASN A 249 -4.55 -18.69 8.48
C ASN A 249 -5.55 -18.61 7.33
N ARG A 250 -5.08 -19.02 6.15
CA ARG A 250 -5.78 -18.84 4.89
C ARG A 250 -7.06 -19.66 4.84
N THR A 251 -6.97 -20.89 5.34
CA THR A 251 -8.11 -21.80 5.32
C THR A 251 -9.30 -21.22 6.11
N GLU A 252 -9.03 -20.71 7.30
CA GLU A 252 -10.08 -20.09 8.10
C GLU A 252 -10.58 -18.77 7.48
N LEU A 253 -9.68 -18.02 6.85
CA LEU A 253 -10.07 -16.81 6.14
C LEU A 253 -11.11 -17.13 5.05
N MET A 254 -10.82 -18.16 4.27
CA MET A 254 -11.72 -18.61 3.21
C MET A 254 -13.09 -18.95 3.77
N GLN A 255 -13.10 -19.74 4.85
CA GLN A 255 -14.36 -20.16 5.46
C GLN A 255 -15.11 -18.95 5.95
N ALA A 256 -14.43 -18.06 6.66
CA ALA A 256 -15.07 -16.86 7.17
C ALA A 256 -15.67 -15.97 6.06
N SER A 257 -14.94 -15.81 4.95
CA SER A 257 -15.35 -14.87 3.89
C SER A 257 -16.62 -15.31 3.17
N LEU A 258 -16.94 -16.61 3.27
CA LEU A 258 -18.14 -17.16 2.65
C LEU A 258 -19.26 -17.43 3.66
N ASP A 259 -19.00 -17.11 4.92
CA ASP A 259 -19.93 -17.43 6.00
C ASP A 259 -20.88 -16.25 6.18
N PRO A 260 -22.18 -16.47 5.92
CA PRO A 260 -23.14 -15.37 5.98
C PRO A 260 -23.27 -14.77 7.38
N SER A 261 -22.93 -15.55 8.41
CA SER A 261 -23.07 -15.09 9.79
C SER A 261 -21.90 -14.23 10.27
N VAL A 262 -20.86 -14.13 9.45
CA VAL A 262 -19.69 -13.34 9.82
C VAL A 262 -19.88 -11.90 9.37
N THR A 263 -20.00 -11.01 10.34
CA THR A 263 -20.22 -9.59 10.06
C THR A 263 -18.94 -8.78 10.22
N HIS A 264 -18.02 -9.31 11.04
CA HIS A 264 -16.76 -8.65 11.34
C HIS A 264 -15.66 -9.67 11.27
N LEU A 265 -14.58 -9.33 10.58
CA LEU A 265 -13.54 -10.30 10.37
C LEU A 265 -12.18 -9.68 10.64
N MET A 266 -11.43 -10.30 11.57
CA MET A 266 -10.04 -9.93 11.79
C MET A 266 -9.16 -11.12 11.45
N GLY A 267 -8.29 -10.93 10.46
CA GLY A 267 -7.37 -11.98 10.05
C GLY A 267 -5.98 -11.45 10.17
N LEU A 268 -5.22 -12.02 11.11
CA LEU A 268 -3.85 -11.59 11.34
C LEU A 268 -2.95 -12.78 11.06
N PHE A 269 -2.20 -12.69 9.96
CA PHE A 269 -1.62 -13.88 9.34
C PHE A 269 -0.16 -14.13 9.64
N GLU A 270 0.50 -13.14 10.22
CA GLU A 270 1.86 -13.33 10.69
C GLU A 270 2.01 -12.57 12.00
N PRO A 271 3.02 -12.92 12.80
CA PRO A 271 3.27 -12.18 14.03
C PRO A 271 3.57 -10.73 13.71
N GLY A 272 4.43 -10.49 12.70
CA GLY A 272 4.76 -9.14 12.25
C GLY A 272 4.24 -8.97 10.83
N ASP A 273 5.07 -8.45 9.94
CA ASP A 273 4.67 -8.27 8.55
C ASP A 273 4.47 -9.61 7.88
N MET A 274 3.65 -9.63 6.85
CA MET A 274 3.51 -10.86 6.08
C MET A 274 4.78 -11.16 5.31
N LYS A 275 4.97 -12.42 4.97
CA LYS A 275 6.13 -12.74 4.16
C LYS A 275 6.04 -12.07 2.79
N TYR A 276 7.20 -11.79 2.20
CA TYR A 276 7.20 -11.42 0.78
C TYR A 276 6.43 -12.46 -0.01
N GLU A 277 5.72 -12.03 -1.04
CA GLU A 277 4.96 -12.94 -1.87
C GLU A 277 5.81 -14.13 -2.35
N ILE A 278 7.07 -13.87 -2.71
CA ILE A 278 7.98 -14.94 -3.17
C ILE A 278 8.30 -15.96 -2.08
N HIS A 279 8.00 -15.62 -0.83
CA HIS A 279 8.25 -16.50 0.32
C HIS A 279 6.97 -17.00 0.96
N ARG A 280 5.82 -16.57 0.44
CA ARG A 280 4.54 -16.89 1.07
C ARG A 280 4.25 -18.39 1.02
N ASP A 281 3.80 -18.92 2.16
CA ASP A 281 3.31 -20.28 2.22
C ASP A 281 1.84 -20.24 1.81
N SER A 282 1.54 -20.75 0.61
CA SER A 282 0.21 -20.56 0.05
C SER A 282 -0.86 -21.47 0.66
N THR A 283 -0.45 -22.36 1.56
CA THR A 283 -1.42 -23.13 2.32
C THR A 283 -1.80 -22.37 3.59
N LEU A 284 -0.83 -21.70 4.19
CA LEU A 284 -1.05 -21.01 5.46
C LEU A 284 -1.47 -19.56 5.31
N ASP A 285 -1.04 -18.91 4.23
CA ASP A 285 -1.21 -17.46 4.11
C ASP A 285 -1.87 -17.00 2.82
N PRO A 286 -2.82 -16.06 2.95
CA PRO A 286 -3.43 -15.53 1.74
C PRO A 286 -2.53 -14.47 1.11
N SER A 287 -2.57 -14.38 -0.21
CA SER A 287 -1.89 -13.29 -0.91
C SER A 287 -2.67 -12.01 -0.72
N LEU A 288 -2.06 -10.88 -1.09
CA LEU A 288 -2.77 -9.62 -1.05
C LEU A 288 -4.07 -9.65 -1.88
N MET A 289 -4.01 -10.27 -3.06
CA MET A 289 -5.18 -10.39 -3.89
C MET A 289 -6.28 -11.21 -3.18
N GLU A 290 -5.90 -12.32 -2.57
CA GLU A 290 -6.87 -13.15 -1.85
C GLU A 290 -7.48 -12.40 -0.67
N MET A 291 -6.66 -11.66 0.08
CA MET A 291 -7.19 -10.86 1.18
C MET A 291 -8.14 -9.78 0.68
N THR A 292 -7.81 -9.19 -0.48
CA THR A 292 -8.66 -8.17 -1.10
C THR A 292 -10.03 -8.77 -1.42
N GLU A 293 -10.04 -9.94 -2.06
CA GLU A 293 -11.29 -10.60 -2.37
C GLU A 293 -12.09 -10.96 -1.12
N ALA A 294 -11.41 -11.50 -0.10
CA ALA A 294 -12.09 -11.82 1.15
C ALA A 294 -12.74 -10.58 1.74
N ALA A 295 -12.02 -9.45 1.72
CA ALA A 295 -12.59 -8.21 2.23
C ALA A 295 -13.81 -7.83 1.41
N LEU A 296 -13.71 -7.94 0.09
CA LEU A 296 -14.83 -7.54 -0.76
C LEU A 296 -16.06 -8.42 -0.57
N ARG A 297 -15.85 -9.71 -0.34
CA ARG A 297 -16.97 -10.63 -0.04
C ARG A 297 -17.84 -10.09 1.10
N LEU A 298 -17.21 -9.70 2.19
CA LEU A 298 -17.95 -9.18 3.35
C LEU A 298 -18.43 -7.75 3.14
N LEU A 299 -17.55 -6.86 2.68
CA LEU A 299 -17.89 -5.43 2.60
C LEU A 299 -19.05 -5.15 1.65
N SER A 300 -19.11 -5.93 0.58
CA SER A 300 -20.10 -5.70 -0.46
C SER A 300 -21.53 -5.99 -0.01
N ARG A 301 -21.69 -6.64 1.15
CA ARG A 301 -23.01 -6.99 1.67
C ARG A 301 -23.84 -5.78 2.09
N ASN A 302 -23.14 -4.72 2.50
CA ASN A 302 -23.79 -3.51 3.01
C ASN A 302 -24.44 -2.71 1.87
N PRO A 303 -25.78 -2.54 1.90
CA PRO A 303 -26.43 -1.78 0.82
C PRO A 303 -25.99 -0.32 0.72
N ARG A 304 -25.43 0.21 1.80
CA ARG A 304 -24.94 1.59 1.85
C ARG A 304 -23.55 1.74 1.24
N GLY A 305 -22.91 0.63 0.91
CA GLY A 305 -21.55 0.68 0.36
C GLY A 305 -20.44 0.47 1.36
N PHE A 306 -19.20 0.62 0.89
CA PHE A 306 -18.04 0.38 1.72
C PHE A 306 -16.88 1.28 1.37
N PHE A 307 -15.96 1.42 2.32
CA PHE A 307 -14.66 2.00 2.07
C PHE A 307 -13.65 0.89 2.31
N LEU A 308 -12.74 0.70 1.36
CA LEU A 308 -11.70 -0.30 1.49
C LEU A 308 -10.31 0.27 1.23
N PHE A 309 -9.40 0.00 2.17
CA PHE A 309 -8.00 0.34 2.05
C PHE A 309 -7.27 -0.97 1.73
N VAL A 310 -6.52 -0.98 0.63
CA VAL A 310 -5.72 -2.14 0.25
C VAL A 310 -4.28 -1.69 0.03
N GLU A 311 -3.35 -2.25 0.80
CA GLU A 311 -1.95 -1.83 0.70
C GLU A 311 -0.98 -2.90 0.20
N GLY A 312 -0.26 -2.56 -0.86
CA GLY A 312 0.93 -3.32 -1.25
C GLY A 312 2.04 -2.77 -0.38
N GLY A 313 2.10 -3.28 0.85
CA GLY A 313 2.89 -2.64 1.88
C GLY A 313 4.37 -2.95 1.86
N ARG A 314 4.72 -4.05 1.21
CA ARG A 314 6.12 -4.50 1.24
C ARG A 314 6.92 -4.18 -0.02
N ILE A 315 6.29 -3.52 -0.99
CA ILE A 315 7.01 -2.87 -2.08
C ILE A 315 8.13 -2.04 -1.47
N ASP A 316 7.71 -1.20 -0.53
CA ASP A 316 8.59 -0.31 0.22
C ASP A 316 9.77 -1.07 0.83
N HIS A 317 9.46 -2.19 1.49
CA HIS A 317 10.46 -2.99 2.19
C HIS A 317 11.49 -3.56 1.23
N GLY A 318 11.03 -4.01 0.06
CA GLY A 318 11.95 -4.50 -0.96
C GLY A 318 12.97 -3.43 -1.32
N HIS A 319 12.48 -2.22 -1.61
CA HIS A 319 13.36 -1.13 -1.95
C HIS A 319 14.31 -0.79 -0.79
N HIS A 320 13.80 -0.80 0.44
CA HIS A 320 14.68 -0.50 1.58
C HIS A 320 15.88 -1.44 1.64
N GLU A 321 15.66 -2.69 1.27
CA GLU A 321 16.71 -3.70 1.24
C GLU A 321 17.56 -3.55 -0.01
N SER A 322 17.19 -2.61 -0.87
CA SER A 322 17.77 -2.49 -2.20
C SER A 322 17.73 -3.81 -2.94
N ARG A 323 16.65 -4.55 -2.71
CA ARG A 323 16.39 -5.78 -3.47
C ARG A 323 15.21 -5.56 -4.40
N ALA A 324 15.53 -5.03 -5.58
CA ALA A 324 14.48 -4.66 -6.55
C ALA A 324 13.60 -5.87 -6.90
N TYR A 325 14.17 -7.06 -6.88
CA TYR A 325 13.37 -8.25 -7.16
C TYR A 325 12.16 -8.34 -6.21
N ARG A 326 12.41 -8.06 -4.94
CA ARG A 326 11.34 -8.09 -3.95
C ARG A 326 10.38 -6.91 -4.14
N ALA A 327 10.93 -5.71 -4.32
CA ALA A 327 10.08 -4.54 -4.55
C ALA A 327 9.13 -4.76 -5.73
N LEU A 328 9.66 -5.26 -6.85
CA LEU A 328 8.86 -5.34 -8.06
C LEU A 328 7.89 -6.51 -8.03
N THR A 329 8.29 -7.64 -7.43
CA THR A 329 7.32 -8.74 -7.29
C THR A 329 6.17 -8.35 -6.35
N GLU A 330 6.48 -7.62 -5.28
CA GLU A 330 5.40 -7.08 -4.44
C GLU A 330 4.47 -6.13 -5.23
N THR A 331 5.06 -5.36 -6.15
CA THR A 331 4.29 -4.41 -6.95
C THR A 331 3.34 -5.15 -7.90
N ILE A 332 3.83 -6.24 -8.48
CA ILE A 332 2.98 -7.00 -9.38
C ILE A 332 1.79 -7.61 -8.61
N MET A 333 2.03 -8.12 -7.41
CA MET A 333 0.92 -8.70 -6.64
C MET A 333 -0.07 -7.58 -6.28
N PHE A 334 0.45 -6.41 -5.97
CA PHE A 334 -0.38 -5.26 -5.69
C PHE A 334 -1.26 -4.96 -6.92
N ASP A 335 -0.65 -4.94 -8.09
CA ASP A 335 -1.40 -4.72 -9.32
C ASP A 335 -2.44 -5.84 -9.56
N ASP A 336 -2.07 -7.07 -9.22
CA ASP A 336 -3.03 -8.19 -9.29
C ASP A 336 -4.24 -7.99 -8.38
N ALA A 337 -3.99 -7.45 -7.19
CA ALA A 337 -5.08 -7.12 -6.25
C ALA A 337 -5.96 -6.02 -6.82
N ILE A 338 -5.36 -4.99 -7.41
CA ILE A 338 -6.13 -3.95 -8.11
C ILE A 338 -7.01 -4.57 -9.19
N GLU A 339 -6.41 -5.41 -10.02
CA GLU A 339 -7.13 -6.06 -11.10
C GLU A 339 -8.32 -6.86 -10.54
N ARG A 340 -8.07 -7.61 -9.47
CA ARG A 340 -9.11 -8.46 -8.89
C ARG A 340 -10.27 -7.63 -8.33
N ALA A 341 -9.95 -6.56 -7.61
CA ALA A 341 -10.97 -5.69 -7.08
C ALA A 341 -11.80 -5.10 -8.22
N GLY A 342 -11.16 -4.78 -9.34
CA GLY A 342 -11.87 -4.26 -10.50
C GLY A 342 -12.87 -5.26 -11.07
N GLN A 343 -12.58 -6.56 -10.93
CA GLN A 343 -13.50 -7.60 -11.40
C GLN A 343 -14.70 -7.79 -10.47
N LEU A 344 -14.55 -7.40 -9.22
CA LEU A 344 -15.56 -7.68 -8.19
C LEU A 344 -16.39 -6.44 -7.83
N THR A 345 -16.08 -5.32 -8.47
CA THR A 345 -16.79 -4.08 -8.23
C THR A 345 -17.07 -3.39 -9.56
N SER A 346 -18.02 -2.45 -9.54
CA SER A 346 -18.40 -1.72 -10.72
C SER A 346 -17.88 -0.29 -10.67
N GLU A 347 -17.27 0.16 -11.76
CA GLU A 347 -16.88 1.55 -11.85
C GLU A 347 -18.08 2.50 -11.99
N GLU A 348 -19.28 1.95 -12.15
CA GLU A 348 -20.50 2.77 -12.15
C GLU A 348 -20.78 3.33 -10.76
N ASP A 349 -20.34 2.62 -9.72
CA ASP A 349 -20.67 3.06 -8.35
C ASP A 349 -19.48 3.03 -7.39
N THR A 350 -18.31 2.64 -7.88
CA THR A 350 -17.12 2.50 -7.04
C THR A 350 -16.02 3.42 -7.52
N LEU A 351 -15.59 4.35 -6.68
CA LEU A 351 -14.42 5.17 -6.99
C LEU A 351 -13.19 4.46 -6.46
N SER A 352 -12.28 4.10 -7.36
CA SER A 352 -11.04 3.46 -6.99
C SER A 352 -9.90 4.39 -7.30
N LEU A 353 -9.05 4.61 -6.31
CA LEU A 353 -7.80 5.33 -6.52
C LEU A 353 -6.63 4.42 -6.23
N VAL A 354 -5.62 4.46 -7.10
CA VAL A 354 -4.36 3.78 -6.87
C VAL A 354 -3.31 4.85 -6.72
N THR A 355 -2.50 4.76 -5.66
CA THR A 355 -1.44 5.73 -5.52
C THR A 355 -0.32 5.12 -4.69
N ALA A 356 0.71 5.93 -4.45
CA ALA A 356 1.82 5.58 -3.59
C ALA A 356 1.90 6.62 -2.48
N ASP A 357 2.40 6.22 -1.33
CA ASP A 357 2.65 7.22 -0.28
C ASP A 357 3.86 8.11 -0.60
N HIS A 358 4.86 7.54 -1.26
CA HIS A 358 6.06 8.26 -1.67
C HIS A 358 6.85 7.28 -2.53
N SER A 359 8.00 7.73 -3.00
CA SER A 359 8.83 6.92 -3.86
C SER A 359 10.10 6.45 -3.13
N HIS A 360 11.10 6.04 -3.90
CA HIS A 360 12.38 5.51 -3.44
C HIS A 360 13.41 6.00 -4.42
N VAL A 361 14.68 5.95 -4.02
CA VAL A 361 15.80 6.41 -4.87
C VAL A 361 16.24 5.33 -5.86
N PHE A 362 15.22 4.67 -6.41
CA PHE A 362 15.31 3.55 -7.34
C PHE A 362 15.33 4.10 -8.76
N SER A 363 16.30 3.67 -9.56
CA SER A 363 16.38 4.12 -10.96
C SER A 363 16.53 2.97 -11.92
N PHE A 364 16.07 3.23 -13.14
CA PHE A 364 16.06 2.24 -14.21
C PHE A 364 16.81 2.88 -15.37
N GLY A 365 18.07 2.48 -15.57
CA GLY A 365 18.93 3.13 -16.55
C GLY A 365 19.79 2.14 -17.32
N GLY A 366 20.97 2.61 -17.75
CA GLY A 366 21.73 1.91 -18.77
C GLY A 366 20.90 1.99 -20.03
N TYR A 367 21.31 1.24 -21.04
CA TYR A 367 20.57 1.30 -22.29
C TYR A 367 20.20 -0.10 -22.72
N PRO A 368 19.42 -0.81 -21.88
CA PRO A 368 19.10 -2.20 -22.19
C PRO A 368 18.20 -2.35 -23.40
N LEU A 369 18.38 -3.48 -24.08
CA LEU A 369 17.60 -3.83 -25.25
C LEU A 369 16.18 -4.22 -24.91
N ARG A 370 15.28 -3.92 -25.84
CA ARG A 370 13.89 -4.31 -25.72
C ARG A 370 13.79 -5.81 -25.44
N GLY A 371 12.99 -6.16 -24.43
CA GLY A 371 12.81 -7.56 -24.05
C GLY A 371 13.80 -8.10 -23.04
N SER A 372 14.84 -7.33 -22.70
CA SER A 372 15.81 -7.79 -21.71
C SER A 372 15.24 -7.77 -20.30
N SER A 373 15.72 -8.66 -19.44
CA SER A 373 15.25 -8.76 -18.08
C SER A 373 15.55 -7.46 -17.33
N ILE A 374 14.56 -6.97 -16.58
CA ILE A 374 14.72 -5.78 -15.75
C ILE A 374 15.84 -5.99 -14.71
N PHE A 375 16.14 -7.26 -14.39
CA PHE A 375 17.18 -7.54 -13.41
C PHE A 375 18.55 -7.77 -14.02
N GLY A 376 18.63 -7.51 -15.32
CA GLY A 376 19.87 -7.75 -16.06
C GLY A 376 20.91 -6.65 -15.98
N LEU A 377 22.01 -6.91 -16.68
CA LEU A 377 23.13 -6.00 -16.75
C LEU A 377 22.92 -4.99 -17.87
N ALA A 378 23.35 -3.76 -17.64
CA ALA A 378 23.35 -2.76 -18.69
C ALA A 378 24.32 -3.25 -19.77
N PRO A 379 23.99 -3.04 -21.06
CA PRO A 379 24.98 -3.37 -22.08
C PRO A 379 26.22 -2.51 -21.88
N GLY A 380 27.39 -3.08 -22.11
CA GLY A 380 28.60 -2.27 -22.02
C GLY A 380 29.09 -1.98 -20.61
N LYS A 381 30.40 -1.96 -20.47
CA LYS A 381 31.06 -1.87 -19.18
C LYS A 381 31.04 -0.47 -18.64
N ALA A 382 31.15 -0.35 -17.32
CA ALA A 382 31.34 0.94 -16.69
C ALA A 382 32.76 1.45 -16.92
N ARG A 383 33.03 2.67 -16.48
CA ARG A 383 34.35 3.27 -16.63
C ARG A 383 35.45 2.44 -15.96
N ASP A 384 35.07 1.63 -14.97
CA ASP A 384 36.02 0.78 -14.27
C ASP A 384 36.13 -0.62 -14.91
N ARG A 385 35.62 -0.72 -16.15
CA ARG A 385 35.67 -1.94 -16.96
C ARG A 385 34.92 -3.14 -16.36
N LYS A 386 34.06 -2.89 -15.38
CA LYS A 386 33.23 -3.94 -14.82
C LYS A 386 31.77 -3.70 -15.19
N ALA A 387 30.98 -4.76 -15.11
CA ALA A 387 29.58 -4.66 -15.50
C ALA A 387 28.78 -3.85 -14.48
N TYR A 388 27.60 -3.40 -14.88
CA TYR A 388 26.70 -2.78 -13.92
C TYR A 388 25.26 -3.11 -14.30
N THR A 389 24.34 -2.88 -13.36
CA THR A 389 22.95 -3.30 -13.57
C THR A 389 22.09 -2.15 -14.07
N VAL A 390 21.02 -2.50 -14.77
CA VAL A 390 20.07 -1.49 -15.25
C VAL A 390 19.31 -0.87 -14.07
N LEU A 391 19.10 -1.65 -13.01
CA LEU A 391 18.44 -1.15 -11.80
C LEU A 391 19.49 -0.76 -10.78
N LEU A 392 19.38 0.45 -10.26
CA LEU A 392 20.34 0.92 -9.27
C LEU A 392 19.60 1.75 -8.23
N TYR A 393 20.24 1.97 -7.11
CA TYR A 393 19.70 2.84 -6.07
C TYR A 393 20.66 4.01 -5.82
N GLY A 394 20.10 5.14 -5.41
CA GLY A 394 20.95 6.27 -5.03
C GLY A 394 21.75 5.94 -3.79
N ASN A 395 21.08 5.34 -2.81
CA ASN A 395 21.74 4.98 -1.56
C ASN A 395 21.21 3.63 -1.10
N GLY A 396 21.86 3.06 -0.10
CA GLY A 396 21.34 1.83 0.48
C GLY A 396 22.36 0.72 0.61
N PRO A 397 21.89 -0.46 1.09
CA PRO A 397 22.80 -1.53 1.52
C PRO A 397 23.43 -2.35 0.40
N GLY A 398 23.20 -1.95 -0.85
CA GLY A 398 23.85 -2.60 -1.99
C GLY A 398 25.20 -1.98 -2.33
N TYR A 399 25.57 -0.90 -1.64
CA TYR A 399 26.89 -0.33 -1.88
C TYR A 399 27.94 -1.30 -1.35
N VAL A 400 28.87 -1.67 -2.22
CA VAL A 400 29.89 -2.63 -1.84
C VAL A 400 31.24 -2.21 -2.39
N LEU A 401 32.27 -2.44 -1.59
CA LEU A 401 33.64 -2.50 -2.09
C LEU A 401 34.20 -3.85 -1.70
N LYS A 402 34.67 -4.60 -2.70
CA LYS A 402 35.43 -5.82 -2.49
C LYS A 402 36.86 -5.54 -2.93
N ASP A 403 37.80 -5.77 -2.02
CA ASP A 403 39.22 -5.47 -2.27
C ASP A 403 39.45 -4.06 -2.83
N GLY A 404 38.76 -3.08 -2.23
CA GLY A 404 38.97 -1.66 -2.55
C GLY A 404 38.31 -1.13 -3.81
N ALA A 405 37.52 -1.97 -4.47
CA ALA A 405 36.87 -1.58 -5.72
C ALA A 405 35.42 -2.03 -5.80
N ARG A 406 34.65 -1.32 -6.63
CA ARG A 406 33.27 -1.71 -6.92
C ARG A 406 33.29 -3.11 -7.51
N PRO A 407 32.44 -4.02 -7.01
CA PRO A 407 32.49 -5.37 -7.55
C PRO A 407 31.85 -5.48 -8.94
N ASP A 408 32.39 -6.40 -9.73
CA ASP A 408 31.79 -6.79 -10.97
C ASP A 408 30.51 -7.52 -10.61
N VAL A 409 29.61 -7.66 -11.58
CA VAL A 409 28.33 -8.32 -11.37
C VAL A 409 28.03 -9.17 -12.59
N THR A 410 27.50 -10.37 -12.36
CA THR A 410 27.11 -11.25 -13.47
C THR A 410 25.59 -11.28 -13.59
N GLU A 411 25.07 -11.76 -14.71
CA GLU A 411 23.63 -11.91 -14.90
C GLU A 411 23.01 -12.85 -13.86
N SER A 412 23.71 -13.93 -13.55
CA SER A 412 23.14 -14.90 -12.60
C SER A 412 23.02 -14.26 -11.23
N GLU A 413 24.01 -13.47 -10.87
CA GLU A 413 24.03 -12.72 -9.61
C GLU A 413 22.93 -11.66 -9.59
N SER A 414 22.86 -10.87 -10.64
CA SER A 414 21.94 -9.72 -10.68
C SER A 414 20.47 -10.13 -10.71
N GLY A 415 20.22 -11.36 -11.15
CA GLY A 415 18.87 -11.89 -11.28
C GLY A 415 18.36 -12.64 -10.07
N SER A 416 19.19 -12.77 -9.04
CA SER A 416 18.81 -13.50 -7.83
C SER A 416 17.80 -12.73 -6.99
N PRO A 417 16.80 -13.43 -6.39
CA PRO A 417 15.84 -12.76 -5.50
C PRO A 417 16.46 -12.11 -4.27
N GLU A 418 17.69 -12.49 -3.94
CA GLU A 418 18.39 -11.89 -2.79
C GLU A 418 19.38 -10.79 -3.19
N TYR A 419 19.55 -10.55 -4.50
CA TYR A 419 20.54 -9.58 -4.97
C TYR A 419 20.16 -8.18 -4.55
N ARG A 420 21.13 -7.44 -4.03
CA ARG A 420 20.95 -6.03 -3.71
C ARG A 420 21.62 -5.21 -4.80
N GLN A 421 20.86 -4.39 -5.51
CA GLN A 421 21.48 -3.53 -6.53
C GLN A 421 22.41 -2.52 -5.85
N GLN A 422 23.48 -2.15 -6.56
CA GLN A 422 24.46 -1.21 -6.05
C GLN A 422 23.87 0.17 -5.87
N SER A 423 24.48 0.94 -4.96
CA SER A 423 24.07 2.31 -4.69
C SER A 423 25.31 3.18 -4.62
N ALA A 424 25.12 4.49 -4.56
CA ALA A 424 26.22 5.45 -4.43
C ALA A 424 26.73 5.61 -3.00
N VAL A 425 25.89 5.29 -2.04
CA VAL A 425 26.11 5.64 -0.64
C VAL A 425 25.62 4.50 0.23
N PRO A 426 26.52 3.92 1.04
CA PRO A 426 26.10 2.80 1.89
C PRO A 426 25.21 3.27 3.03
N LEU A 427 24.04 2.64 3.13
CA LEU A 427 23.12 2.84 4.26
C LEU A 427 22.53 1.49 4.59
N ASP A 428 22.24 1.24 5.87
CA ASP A 428 21.60 0.00 6.27
C ASP A 428 20.29 -0.18 5.55
N GLU A 429 19.58 0.92 5.36
CA GLU A 429 18.38 0.87 4.54
C GLU A 429 18.39 1.99 3.53
N GLU A 430 18.04 1.64 2.30
CA GLU A 430 17.85 2.64 1.26
C GLU A 430 16.74 3.62 1.67
N THR A 431 16.82 4.87 1.22
CA THR A 431 15.83 5.86 1.64
C THR A 431 14.66 6.03 0.68
N HIS A 432 13.55 6.49 1.25
CA HIS A 432 12.47 7.03 0.44
C HIS A 432 13.00 8.12 -0.46
N ALA A 433 12.21 8.45 -1.49
CA ALA A 433 12.55 9.59 -2.33
C ALA A 433 11.39 10.57 -2.34
N GLY A 434 11.67 11.83 -2.65
CA GLY A 434 10.69 12.90 -2.51
C GLY A 434 9.96 13.32 -3.75
N GLU A 435 10.19 12.66 -4.90
CA GLU A 435 9.54 13.13 -6.12
C GLU A 435 8.07 12.73 -6.16
N ASP A 436 7.32 13.42 -7.02
CA ASP A 436 5.88 13.20 -7.08
C ASP A 436 5.61 11.76 -7.44
N VAL A 437 4.48 11.25 -6.95
CA VAL A 437 4.00 9.93 -7.32
C VAL A 437 2.71 10.05 -8.10
N ALA A 438 2.33 8.97 -8.78
CA ALA A 438 1.11 8.99 -9.56
C ALA A 438 -0.09 8.73 -8.69
N VAL A 439 -1.23 9.28 -9.12
CA VAL A 439 -2.54 8.88 -8.63
C VAL A 439 -3.31 8.43 -9.86
N PHE A 440 -3.85 7.22 -9.82
CA PHE A 440 -4.70 6.70 -10.90
C PHE A 440 -6.09 6.61 -10.35
N ALA A 441 -7.09 6.96 -11.15
CA ALA A 441 -8.46 6.93 -10.64
C ALA A 441 -9.45 6.45 -11.68
N ARG A 442 -10.45 5.73 -11.22
CA ARG A 442 -11.58 5.31 -12.04
C ARG A 442 -12.84 5.31 -11.19
N GLY A 443 -13.98 5.55 -11.84
CA GLY A 443 -15.27 5.52 -11.17
C GLY A 443 -15.89 6.91 -10.99
N PRO A 444 -16.97 6.97 -10.19
CA PRO A 444 -17.70 8.23 -10.04
C PRO A 444 -16.83 9.31 -9.45
N GLN A 445 -16.73 10.42 -10.17
CA GLN A 445 -15.94 11.59 -9.78
C GLN A 445 -14.44 11.42 -9.97
N ALA A 446 -14.02 10.33 -10.58
CA ALA A 446 -12.60 10.09 -10.83
C ALA A 446 -12.01 11.16 -11.74
N HIS A 447 -12.83 11.76 -12.60
CA HIS A 447 -12.34 12.81 -13.50
C HIS A 447 -11.81 14.03 -12.72
N LEU A 448 -12.15 14.10 -11.43
CA LEU A 448 -11.66 15.21 -10.61
C LEU A 448 -10.19 15.03 -10.23
N VAL A 449 -9.71 13.78 -10.35
CA VAL A 449 -8.30 13.49 -10.09
C VAL A 449 -7.54 13.93 -11.35
N HIS A 450 -6.85 15.06 -11.26
CA HIS A 450 -6.23 15.63 -12.45
C HIS A 450 -5.04 16.51 -12.03
N GLY A 451 -4.16 16.79 -12.98
CA GLY A 451 -3.11 17.79 -12.78
C GLY A 451 -2.10 17.38 -11.72
N VAL A 452 -1.54 18.39 -11.06
CA VAL A 452 -0.59 18.18 -10.00
C VAL A 452 -1.27 18.65 -8.75
N GLN A 453 -1.35 17.77 -7.77
CA GLN A 453 -2.12 18.04 -6.56
C GLN A 453 -1.30 17.75 -5.33
N GLU A 454 -1.62 18.43 -4.23
CA GLU A 454 -1.13 18.01 -2.93
C GLU A 454 -1.66 16.62 -2.62
N GLN A 455 -0.87 15.80 -1.92
CA GLN A 455 -1.29 14.44 -1.60
C GLN A 455 -2.62 14.38 -0.84
N THR A 456 -2.95 15.44 -0.11
CA THR A 456 -4.21 15.53 0.63
C THR A 456 -5.42 15.43 -0.27
N PHE A 457 -5.24 15.79 -1.56
CA PHE A 457 -6.35 15.76 -2.50
C PHE A 457 -6.98 14.37 -2.57
N ILE A 458 -6.17 13.34 -2.40
CA ILE A 458 -6.64 11.96 -2.49
C ILE A 458 -7.77 11.72 -1.46
N ALA A 459 -7.55 12.14 -0.22
CA ALA A 459 -8.59 11.94 0.80
C ALA A 459 -9.84 12.76 0.42
N HIS A 460 -9.63 14.01 0.03
CA HIS A 460 -10.73 14.93 -0.23
C HIS A 460 -11.63 14.49 -1.39
N VAL A 461 -11.02 14.02 -2.47
CA VAL A 461 -11.81 13.64 -3.62
C VAL A 461 -12.65 12.40 -3.28
N MET A 462 -12.10 11.52 -2.45
CA MET A 462 -12.81 10.32 -2.01
C MET A 462 -14.01 10.70 -1.12
N ALA A 463 -13.79 11.60 -0.17
CA ALA A 463 -14.90 12.04 0.68
C ALA A 463 -15.93 12.74 -0.17
N PHE A 464 -15.49 13.57 -1.10
CA PHE A 464 -16.42 14.29 -1.95
C PHE A 464 -17.28 13.33 -2.78
N ALA A 465 -16.63 12.37 -3.41
CA ALA A 465 -17.33 11.47 -4.32
C ALA A 465 -18.44 10.68 -3.64
N ALA A 466 -18.23 10.35 -2.37
CA ALA A 466 -19.19 9.58 -1.60
C ALA A 466 -20.08 10.48 -0.75
N CYS A 467 -19.94 11.81 -0.94
CA CYS A 467 -20.74 12.80 -0.19
C CYS A 467 -20.59 12.64 1.32
N LEU A 468 -19.36 12.36 1.75
CA LEU A 468 -19.03 12.27 3.15
C LEU A 468 -18.57 13.63 3.66
N GLU A 469 -18.76 13.88 4.95
CA GLU A 469 -18.14 15.03 5.62
C GLU A 469 -16.71 15.24 5.10
N PRO A 470 -16.33 16.50 4.78
CA PRO A 470 -17.12 17.75 4.87
C PRO A 470 -17.95 18.06 3.63
N TYR A 471 -18.25 17.05 2.82
CA TYR A 471 -18.90 17.27 1.53
C TYR A 471 -20.28 16.63 1.45
N THR A 472 -21.03 16.66 2.54
CA THR A 472 -22.39 16.13 2.51
C THR A 472 -23.29 16.89 1.53
N ALA A 473 -22.96 18.16 1.29
CA ALA A 473 -23.65 18.97 0.28
C ALA A 473 -22.94 18.84 -1.07
N CYS A 474 -22.65 17.61 -1.46
CA CYS A 474 -21.87 17.33 -2.66
C CYS A 474 -22.61 17.69 -3.94
N ASP A 475 -23.93 17.77 -3.85
CA ASP A 475 -24.82 18.04 -4.99
C ASP A 475 -24.66 17.03 -6.13
N LEU A 476 -24.43 15.78 -5.75
CA LEU A 476 -24.36 14.70 -6.72
C LEU A 476 -25.67 13.91 -6.63
N ALA A 477 -26.05 13.28 -7.72
CA ALA A 477 -27.17 12.35 -7.72
C ALA A 477 -26.77 11.05 -7.00
N PRO A 478 -27.76 10.24 -6.56
CA PRO A 478 -27.45 8.96 -5.93
C PRO A 478 -26.55 8.07 -6.80
N PRO A 479 -25.76 7.20 -6.15
CA PRO A 479 -24.91 6.30 -6.95
C PRO A 479 -25.71 5.56 -8.01
N ALA A 480 -25.08 5.39 -9.17
CA ALA A 480 -25.65 4.61 -10.27
C ALA A 480 -25.74 3.13 -9.92
N GLY A 481 -26.69 2.43 -10.53
CA GLY A 481 -26.72 0.97 -10.52
C GLY A 481 -25.60 0.39 -11.37
C1 NAG B . 5.43 17.81 26.97
C2 NAG B . 5.31 19.32 27.22
C3 NAG B . 6.70 19.97 27.34
C4 NAG B . 7.61 19.18 28.30
C5 NAG B . 7.54 17.68 28.01
C6 NAG B . 8.35 16.84 29.02
C7 NAG B . 3.26 20.33 26.36
C8 NAG B . 2.50 20.76 25.13
N2 NAG B . 4.53 19.98 26.17
O3 NAG B . 6.57 21.32 27.78
O4 NAG B . 8.95 19.60 28.15
O5 NAG B . 6.19 17.26 28.03
O6 NAG B . 7.92 17.12 30.35
O7 NAG B . 2.70 20.32 27.45
C1 NAG B . 9.43 20.33 29.30
C2 NAG B . 10.94 20.11 29.38
C3 NAG B . 11.63 21.05 30.37
C4 NAG B . 11.15 22.49 30.18
C5 NAG B . 9.62 22.52 30.24
C6 NAG B . 9.09 23.94 30.10
C7 NAG B . 11.72 17.82 28.94
C8 NAG B . 12.14 16.53 29.61
N2 NAG B . 11.20 18.73 29.76
O3 NAG B . 13.03 20.97 30.22
O4 NAG B . 11.72 23.30 31.19
O5 NAG B . 9.07 21.71 29.21
O6 NAG B . 9.20 24.39 28.78
O7 NAG B . 11.87 17.98 27.72
C1 NAG C . -5.92 -22.65 10.90
C2 NAG C . -5.13 -23.94 11.19
C3 NAG C . -5.97 -25.00 11.91
C4 NAG C . -6.72 -24.41 13.11
C5 NAG C . -7.40 -23.10 12.71
C6 NAG C . -8.13 -22.40 13.86
C7 NAG C . -3.27 -24.74 9.83
C8 NAG C . -2.85 -25.28 8.50
N2 NAG C . -4.58 -24.50 9.97
O3 NAG C . -5.14 -26.06 12.33
O4 NAG C . -7.70 -25.30 13.58
O5 NAG C . -6.44 -22.22 12.14
O6 NAG C . -7.22 -22.13 14.92
O7 NAG C . -2.44 -24.53 10.70
C1 NAG C . -7.28 -26.00 14.77
C2 NAG C . -8.55 -26.47 15.48
C3 NAG C . -8.34 -27.53 16.57
C4 NAG C . -7.14 -28.46 16.35
C5 NAG C . -5.96 -27.73 15.68
C6 NAG C . -4.86 -28.72 15.29
C7 NAG C . -10.34 -24.84 15.54
C8 NAG C . -11.03 -23.77 16.34
N2 NAG C . -9.21 -25.30 16.07
O3 NAG C . -9.50 -28.33 16.60
O4 NAG C . -6.73 -29.01 17.58
O5 NAG C . -6.43 -27.11 14.51
O6 NAG C . -5.34 -29.55 14.26
O7 NAG C . -10.82 -25.24 14.48
ZN ZN D . 9.64 2.93 3.86
ZN ZN E . 5.92 4.25 2.76
ZN ZN F . 2.99 1.04 4.44
MG MG G . 2.99 1.04 4.44
CA CA H . 1.20 -17.17 8.35
C1 NPO I . 12.15 6.86 8.91
C2 NPO I . 13.22 7.28 8.12
C3 NPO I . 14.45 7.61 8.72
C4 NPO I . 14.59 7.51 10.10
C5 NPO I . 13.52 7.08 10.89
C6 NPO I . 12.30 6.76 10.29
OH NPO I . 15.79 7.82 10.68
N1 NPO I . 10.93 6.53 8.31
O2 NPO I . 9.74 6.61 9.05
O3 NPO I . 10.87 6.14 6.98
C1 NPO J . -10.06 -16.00 -0.70
C2 NPO J . -10.27 -15.70 -2.04
C3 NPO J . -9.47 -16.33 -3.00
C4 NPO J . -8.50 -17.24 -2.59
C5 NPO J . -8.32 -17.53 -1.24
C6 NPO J . -9.10 -16.91 -0.28
OH NPO J . -7.72 -17.88 -3.51
N1 NPO J . -10.83 -15.42 0.30
O2 NPO J . -11.89 -14.58 -0.03
O3 NPO J . -10.56 -15.76 1.62
C1 NPO K . 5.96 -19.49 25.37
C2 NPO K . 5.99 -19.39 23.97
C3 NPO K . 5.69 -20.52 23.21
C4 NPO K . 5.36 -21.72 23.83
C5 NPO K . 5.32 -21.80 25.23
C6 NPO K . 5.63 -20.68 25.99
OH NPO K . 5.06 -22.83 23.09
N1 NPO K . 6.24 -18.36 26.15
O2 NPO K . 6.22 -18.49 27.53
O3 NPO K . 6.49 -17.12 25.57
P PO4 L . 10.13 -12.73 4.56
O1 PO4 L . 10.05 -13.99 5.42
O2 PO4 L . 9.44 -11.58 5.24
O3 PO4 L . 11.61 -12.37 4.44
O4 PO4 L . 9.49 -12.98 3.24
C ACT M . -20.21 -21.09 1.53
O ACT M . -20.84 -20.70 2.55
OXT ACT M . -19.34 -21.99 1.71
CH3 ACT M . -20.47 -20.51 0.17
C ACT N . 4.24 -17.94 -3.56
O ACT N . 3.30 -18.45 -2.90
OXT ACT N . 5.38 -18.02 -3.05
CH3 ACT N . 4.01 -17.27 -4.90
C ACT O . -8.10 -15.67 20.64
O ACT O . -7.23 -15.34 21.47
OXT ACT O . -9.24 -15.16 20.78
CH3 ACT O . -7.81 -16.64 19.54
NA NA P . 10.19 4.82 20.58
#